data_3PL5
#
_entry.id   3PL5
#
_cell.length_a   42.304
_cell.length_b   42.304
_cell.length_c   151.314
_cell.angle_alpha   90.00
_cell.angle_beta   90.00
_cell.angle_gamma   90.00
#
_symmetry.space_group_name_H-M   'P 41'
#
loop_
_entity.id
_entity.type
_entity.pdbx_description
1 polymer 'Putative uncharacterized protein'
2 non-polymer 'PALMITIC ACID'
3 water water
#
_entity_poly.entity_id   1
_entity_poly.type   'polypeptide(L)'
_entity_poly.pdbx_seq_one_letter_code
;MGSSHHHHHHSSGLVPRGSHMASMTGGQQMGRGSMTFKILTDSTADLPESWTQENDVQVLGLTVQLDGITYETVGPDRLT
SRVLLEKIAAGSKPTTSQVNVGQFESYFRQSAENGQEVLYIAFSSVLSGTYQSAVMARDIVLEEYPQASIEIVDTLAATG
GEGYLAMLAAQAREEGKSLKETKELILDVGPRLRTFFLVDNLYHLMRGGRLSKTSAIVGSLVNIKPLLWLDASGKLVPIA
KLRGRKKGMKEMLKRATADVAHDTAVVAYANDSEAAENLKEQLLANEKIKNVVTLPLGPVISTHVGPNTLAVFTIGKEAR
;
_entity_poly.pdbx_strand_id   A
#
# COMPACT_ATOMS: atom_id res chain seq x y z
N THR A 36 4.67 -4.03 -23.04
CA THR A 36 3.31 -3.97 -23.61
C THR A 36 2.35 -3.28 -22.63
N PHE A 37 1.68 -4.00 -21.76
CA PHE A 37 0.70 -3.32 -20.92
C PHE A 37 1.29 -2.25 -20.00
N LYS A 38 0.50 -1.21 -19.73
CA LYS A 38 0.91 -0.19 -18.78
C LYS A 38 0.57 -0.69 -17.40
N ILE A 39 1.36 -0.27 -16.42
CA ILE A 39 0.98 -0.55 -14.99
C ILE A 39 0.70 0.77 -14.30
N LEU A 40 -0.48 0.83 -13.66
CA LEU A 40 -0.94 2.03 -12.92
C LEU A 40 -1.14 1.60 -11.46
N THR A 41 -0.77 2.44 -10.51
CA THR A 41 -1.14 2.19 -9.13
C THR A 41 -1.49 3.53 -8.52
N ASP A 42 -1.64 3.57 -7.20
CA ASP A 42 -2.05 4.81 -6.52
C ASP A 42 -1.04 5.24 -5.41
N SER A 43 -1.15 6.46 -4.87
CA SER A 43 -0.12 6.94 -3.97
C SER A 43 -0.06 6.21 -2.57
N THR A 44 -1.15 5.53 -2.21
CA THR A 44 -1.20 4.67 -1.01
C THR A 44 -0.33 3.37 -1.11
N ALA A 45 0.19 3.03 -2.30
CA ALA A 45 1.13 1.92 -2.48
C ALA A 45 2.57 2.29 -1.96
N ASP A 46 2.80 3.58 -1.71
CA ASP A 46 4.01 4.07 -1.06
C ASP A 46 5.24 3.59 -1.77
N LEU A 47 5.22 3.61 -3.11
CA LEU A 47 6.40 3.29 -3.92
C LEU A 47 7.30 4.54 -4.04
N PRO A 48 8.64 4.37 -3.91
CA PRO A 48 9.53 5.50 -4.06
C PRO A 48 9.42 6.04 -5.47
N GLU A 49 9.51 7.36 -5.64
N GLU A 49 9.50 7.36 -5.66
CA GLU A 49 9.48 8.00 -6.95
CA GLU A 49 9.44 7.94 -7.01
C GLU A 49 10.54 7.43 -7.89
C GLU A 49 10.54 7.38 -7.92
N SER A 50 11.73 7.16 -7.35
CA SER A 50 12.81 6.62 -8.15
C SER A 50 12.46 5.21 -8.69
N TRP A 51 11.77 4.37 -7.90
CA TRP A 51 11.35 3.07 -8.36
C TRP A 51 10.30 3.17 -9.48
N THR A 52 9.27 4.01 -9.31
CA THR A 52 8.21 4.15 -10.32
C THR A 52 8.73 4.74 -11.63
N GLN A 53 9.65 5.70 -11.53
CA GLN A 53 10.28 6.32 -12.68
C GLN A 53 11.06 5.25 -13.49
N GLU A 54 12.02 4.59 -12.85
CA GLU A 54 12.82 3.51 -13.43
C GLU A 54 12.05 2.27 -13.90
N ASN A 55 10.87 2.04 -13.33
CA ASN A 55 10.09 0.84 -13.64
C ASN A 55 8.84 1.02 -14.48
N ASP A 56 8.66 2.24 -14.97
CA ASP A 56 7.57 2.59 -15.89
C ASP A 56 6.21 2.18 -15.27
N VAL A 57 6.02 2.64 -14.02
CA VAL A 57 4.77 2.49 -13.31
C VAL A 57 4.25 3.88 -13.02
N GLN A 58 2.99 4.12 -13.36
CA GLN A 58 2.38 5.44 -13.09
C GLN A 58 1.55 5.43 -11.83
N VAL A 59 1.36 6.59 -11.21
CA VAL A 59 0.78 6.64 -9.88
C VAL A 59 -0.20 7.81 -9.85
N LEU A 60 -1.45 7.52 -9.53
CA LEU A 60 -2.41 8.59 -9.29
C LEU A 60 -2.48 8.88 -7.80
N GLY A 61 -2.45 10.17 -7.47
CA GLY A 61 -2.42 10.67 -6.15
C GLY A 61 -3.79 10.78 -5.48
N LEU A 62 -3.89 10.20 -4.30
CA LEU A 62 -4.87 10.62 -3.33
C LEU A 62 -4.54 12.02 -2.76
N THR A 63 -5.44 12.65 -2.03
CA THR A 63 -5.07 13.93 -1.39
C THR A 63 -5.16 13.84 0.15
N VAL A 64 -4.44 14.75 0.80
CA VAL A 64 -4.58 14.98 2.20
C VAL A 64 -5.20 16.38 2.39
N GLN A 65 -6.26 16.47 3.19
CA GLN A 65 -6.74 17.80 3.71
C GLN A 65 -6.07 18.08 5.08
N LEU A 66 -5.28 19.13 5.14
CA LEU A 66 -4.45 19.43 6.34
C LEU A 66 -4.65 20.91 6.67
N ASP A 67 -5.39 21.18 7.74
CA ASP A 67 -5.63 22.56 8.21
C ASP A 67 -6.10 23.43 7.07
N GLY A 68 -7.20 23.06 6.42
CA GLY A 68 -7.85 23.89 5.40
C GLY A 68 -7.31 23.81 3.97
N ILE A 69 -6.15 23.17 3.78
CA ILE A 69 -5.58 23.08 2.42
C ILE A 69 -5.56 21.61 1.95
N THR A 70 -5.87 21.42 0.66
CA THR A 70 -5.72 20.14 -0.05
C THR A 70 -4.29 19.98 -0.67
N TYR A 71 -3.54 19.02 -0.16
CA TYR A 71 -2.21 18.72 -0.66
C TYR A 71 -2.23 17.57 -1.69
N GLU A 72 -1.38 17.68 -2.68
CA GLU A 72 -1.08 16.53 -3.52
C GLU A 72 -0.20 15.55 -2.75
N THR A 73 -0.26 14.30 -3.18
CA THR A 73 0.60 13.24 -2.64
C THR A 73 1.49 12.62 -3.68
N VAL A 74 1.49 13.20 -4.90
CA VAL A 74 2.44 12.84 -5.97
C VAL A 74 2.91 14.17 -6.61
N GLY A 75 4.05 14.13 -7.31
CA GLY A 75 4.55 15.31 -7.99
C GLY A 75 5.59 16.09 -7.18
N PRO A 76 6.12 17.18 -7.77
CA PRO A 76 7.11 18.02 -7.12
C PRO A 76 6.56 18.79 -5.90
N ASP A 77 5.24 18.91 -5.78
CA ASP A 77 4.66 19.62 -4.66
C ASP A 77 3.96 18.70 -3.65
N ARG A 78 4.25 17.39 -3.76
CA ARG A 78 3.59 16.43 -2.90
C ARG A 78 3.88 16.73 -1.43
N LEU A 79 2.88 16.63 -0.59
CA LEU A 79 3.09 16.62 0.87
C LEU A 79 3.91 15.39 1.31
N THR A 80 4.82 15.56 2.28
CA THR A 80 5.61 14.41 2.77
C THR A 80 5.13 13.96 4.14
N SER A 81 5.45 12.73 4.47
CA SER A 81 5.10 12.17 5.73
C SER A 81 5.79 12.91 6.87
N ARG A 82 7.02 13.34 6.63
CA ARG A 82 7.81 14.06 7.66
C ARG A 82 7.06 15.35 8.06
N VAL A 83 6.58 16.09 7.08
CA VAL A 83 5.80 17.28 7.29
C VAL A 83 4.41 17.00 7.93
N LEU A 84 3.73 15.99 7.43
CA LEU A 84 2.50 15.50 7.99
C LEU A 84 2.62 15.15 9.46
N LEU A 85 3.62 14.35 9.81
CA LEU A 85 3.72 13.83 11.16
C LEU A 85 4.08 14.97 12.13
N GLU A 86 5.01 15.81 11.72
CA GLU A 86 5.29 17.07 12.37
C GLU A 86 4.00 17.85 12.71
N LYS A 87 3.14 18.07 11.73
CA LYS A 87 1.92 18.81 11.97
C LYS A 87 1.01 18.05 12.94
N ILE A 88 0.92 16.72 12.79
CA ILE A 88 0.09 15.89 13.68
C ILE A 88 0.57 15.92 15.12
N ALA A 89 1.89 16.04 15.33
CA ALA A 89 2.45 16.13 16.70
C ALA A 89 2.09 17.44 17.42
N ALA A 90 1.92 18.51 16.64
CA ALA A 90 1.48 19.82 17.14
C ALA A 90 -0.04 19.88 17.27
N GLY A 91 -0.71 18.76 16.96
CA GLY A 91 -2.15 18.63 17.20
C GLY A 91 -3.05 18.77 15.97
N SER A 92 -2.47 18.75 14.79
CA SER A 92 -3.23 18.90 13.55
C SER A 92 -3.90 17.58 13.15
N LYS A 93 -5.21 17.62 12.98
CA LYS A 93 -5.97 16.44 12.58
C LYS A 93 -6.22 16.43 11.07
N PRO A 94 -5.33 15.79 10.34
CA PRO A 94 -5.44 15.72 8.87
C PRO A 94 -6.35 14.58 8.42
N THR A 95 -7.09 14.81 7.34
CA THR A 95 -7.97 13.79 6.79
C THR A 95 -7.55 13.53 5.33
N THR A 96 -8.05 12.43 4.74
CA THR A 96 -7.64 12.04 3.41
C THR A 96 -8.84 11.96 2.47
N SER A 97 -8.54 12.03 1.15
CA SER A 97 -9.55 11.87 0.10
C SER A 97 -9.11 10.86 -0.97
N GLN A 98 -10.07 10.09 -1.48
CA GLN A 98 -9.80 9.14 -2.55
C GLN A 98 -9.33 9.83 -3.86
N VAL A 99 -8.75 9.04 -4.74
CA VAL A 99 -8.63 9.47 -6.10
C VAL A 99 -10.02 9.72 -6.75
N ASN A 100 -10.17 10.80 -7.52
CA ASN A 100 -11.45 11.05 -8.19
C ASN A 100 -11.64 10.29 -9.52
N VAL A 101 -12.89 9.92 -9.83
CA VAL A 101 -13.20 9.27 -11.11
C VAL A 101 -12.50 9.93 -12.34
N GLY A 102 -12.47 11.24 -12.34
CA GLY A 102 -11.83 12.04 -13.42
C GLY A 102 -10.36 11.72 -13.71
N GLN A 103 -9.58 11.49 -12.64
CA GLN A 103 -8.19 11.11 -12.75
C GLN A 103 -8.03 9.76 -13.48
N PHE A 104 -8.84 8.77 -13.12
CA PHE A 104 -8.76 7.47 -13.79
C PHE A 104 -9.25 7.59 -15.24
N GLU A 105 -10.29 8.41 -15.43
CA GLU A 105 -10.82 8.69 -16.75
C GLU A 105 -9.77 9.16 -17.72
N SER A 106 -9.16 10.30 -17.42
CA SER A 106 -8.02 10.81 -18.19
C SER A 106 -6.93 9.76 -18.49
N TYR A 107 -6.41 9.12 -17.43
CA TYR A 107 -5.36 8.10 -17.65
C TYR A 107 -5.85 6.94 -18.53
N PHE A 108 -6.96 6.33 -18.13
CA PHE A 108 -7.58 5.27 -18.95
C PHE A 108 -7.82 5.74 -20.37
N ARG A 109 -8.37 6.93 -20.54
CA ARG A 109 -8.74 7.33 -21.91
C ARG A 109 -7.51 7.57 -22.80
N GLN A 110 -6.52 8.29 -22.27
CA GLN A 110 -5.20 8.42 -22.90
C GLN A 110 -4.60 7.08 -23.32
N SER A 111 -4.61 6.08 -22.45
CA SER A 111 -4.15 4.73 -22.82
C SER A 111 -4.96 4.04 -23.91
N ALA A 112 -6.28 4.09 -23.83
CA ALA A 112 -7.07 3.44 -24.86
C ALA A 112 -6.81 4.11 -26.24
N GLU A 113 -6.79 5.44 -26.22
CA GLU A 113 -6.53 6.27 -27.40
C GLU A 113 -5.22 5.85 -28.05
N ASN A 114 -4.30 5.34 -27.24
CA ASN A 114 -2.98 5.08 -27.73
C ASN A 114 -2.80 3.62 -28.07
N GLY A 115 -3.87 2.82 -27.92
CA GLY A 115 -3.81 1.38 -28.21
C GLY A 115 -3.09 0.57 -27.14
N GLN A 116 -3.02 1.12 -25.94
CA GLN A 116 -2.29 0.46 -24.85
C GLN A 116 -3.20 -0.24 -23.84
N GLU A 117 -2.86 -1.49 -23.48
CA GLU A 117 -3.52 -2.22 -22.35
C GLU A 117 -3.06 -1.65 -20.99
N VAL A 118 -3.88 -1.81 -19.95
CA VAL A 118 -3.64 -1.18 -18.62
C VAL A 118 -3.96 -2.19 -17.53
N LEU A 119 -3.00 -2.40 -16.64
CA LEU A 119 -3.27 -3.05 -15.38
C LEU A 119 -3.19 -1.99 -14.23
N TYR A 120 -4.28 -1.91 -13.48
CA TYR A 120 -4.33 -1.04 -12.30
C TYR A 120 -4.32 -1.91 -11.00
N ILE A 121 -3.24 -1.76 -10.24
CA ILE A 121 -3.06 -2.41 -8.96
C ILE A 121 -3.62 -1.37 -7.96
N ALA A 122 -4.77 -1.70 -7.39
CA ALA A 122 -5.61 -0.75 -6.66
C ALA A 122 -5.55 -0.94 -5.15
N PHE A 123 -5.51 0.18 -4.44
CA PHE A 123 -5.61 0.24 -2.96
C PHE A 123 -6.94 -0.47 -2.57
N SER A 124 -6.88 -1.26 -1.52
CA SER A 124 -8.02 -2.07 -1.09
C SER A 124 -9.34 -1.32 -1.18
N SER A 125 -10.35 -1.99 -1.72
CA SER A 125 -11.69 -1.39 -1.82
C SER A 125 -12.36 -1.16 -0.46
N VAL A 126 -11.93 -1.90 0.56
CA VAL A 126 -12.52 -1.73 1.88
C VAL A 126 -11.92 -0.55 2.67
N LEU A 127 -10.90 0.12 2.13
CA LEU A 127 -10.32 1.24 2.86
C LEU A 127 -10.58 2.53 2.15
N SER A 128 -11.01 2.48 0.88
CA SER A 128 -11.13 3.72 0.10
C SER A 128 -12.07 3.49 -1.06
N GLY A 129 -12.77 4.53 -1.51
CA GLY A 129 -13.62 4.44 -2.70
C GLY A 129 -12.84 4.63 -3.98
N THR A 130 -11.53 4.76 -3.82
CA THR A 130 -10.63 4.84 -4.95
C THR A 130 -10.87 3.69 -5.95
N TYR A 131 -10.91 2.45 -5.47
CA TYR A 131 -11.12 1.32 -6.41
C TYR A 131 -12.45 1.51 -7.21
N GLN A 132 -13.54 1.77 -6.51
CA GLN A 132 -14.84 1.93 -7.14
C GLN A 132 -14.88 3.08 -8.13
N SER A 133 -14.19 4.18 -7.84
CA SER A 133 -14.06 5.25 -8.81
C SER A 133 -13.35 4.83 -10.04
N ALA A 134 -12.27 4.06 -9.89
CA ALA A 134 -11.59 3.50 -11.05
C ALA A 134 -12.51 2.59 -11.87
N VAL A 135 -13.33 1.78 -11.19
CA VAL A 135 -14.27 0.89 -11.88
C VAL A 135 -15.25 1.70 -12.74
N MET A 136 -15.81 2.78 -12.17
CA MET A 136 -16.69 3.66 -12.86
C MET A 136 -16.00 4.35 -14.02
N ALA A 137 -14.77 4.79 -13.82
CA ALA A 137 -13.97 5.39 -14.90
C ALA A 137 -13.75 4.40 -16.05
N ARG A 138 -13.48 3.14 -15.71
CA ARG A 138 -13.29 2.13 -16.72
C ARG A 138 -14.57 1.95 -17.56
N ASP A 139 -15.72 1.84 -16.89
CA ASP A 139 -17.04 1.83 -17.54
C ASP A 139 -17.24 2.96 -18.60
N ILE A 140 -16.96 4.19 -18.24
CA ILE A 140 -17.04 5.31 -19.14
C ILE A 140 -16.09 5.21 -20.37
N VAL A 141 -14.88 4.73 -20.13
CA VAL A 141 -13.92 4.56 -21.20
C VAL A 141 -14.23 3.38 -22.15
N LEU A 142 -14.69 2.26 -21.64
CA LEU A 142 -15.14 1.14 -22.48
C LEU A 142 -16.37 1.45 -23.35
N GLU A 143 -17.16 2.41 -22.93
CA GLU A 143 -18.17 3.00 -23.81
C GLU A 143 -17.53 3.63 -25.06
N GLU A 144 -16.52 4.46 -24.84
CA GLU A 144 -15.80 5.10 -25.93
C GLU A 144 -14.89 4.13 -26.73
N TYR A 145 -14.32 3.14 -26.04
CA TYR A 145 -13.29 2.25 -26.57
C TYR A 145 -13.65 0.82 -26.14
N PRO A 146 -14.70 0.26 -26.75
CA PRO A 146 -15.27 -1.04 -26.36
C PRO A 146 -14.30 -2.22 -26.46
N GLN A 147 -13.31 -2.15 -27.35
CA GLN A 147 -12.35 -3.24 -27.51
CA GLN A 147 -12.35 -3.24 -27.54
C GLN A 147 -11.13 -3.13 -26.61
N ALA A 148 -11.04 -2.01 -25.87
CA ALA A 148 -9.87 -1.70 -25.00
C ALA A 148 -9.74 -2.63 -23.80
N SER A 149 -8.52 -2.70 -23.28
CA SER A 149 -8.10 -3.65 -22.28
C SER A 149 -7.67 -2.92 -20.98
N ILE A 150 -8.51 -3.00 -19.96
CA ILE A 150 -8.28 -2.32 -18.69
C ILE A 150 -8.63 -3.28 -17.53
N GLU A 151 -7.62 -3.72 -16.79
CA GLU A 151 -7.85 -4.67 -15.70
C GLU A 151 -7.57 -3.94 -14.41
N ILE A 152 -8.48 -4.07 -13.46
CA ILE A 152 -8.33 -3.47 -12.17
C ILE A 152 -8.29 -4.58 -11.14
N VAL A 153 -7.19 -4.63 -10.37
CA VAL A 153 -7.03 -5.56 -9.27
C VAL A 153 -7.30 -4.86 -7.92
N ASP A 154 -8.35 -5.29 -7.22
CA ASP A 154 -8.59 -4.89 -5.84
C ASP A 154 -7.65 -5.71 -4.95
N THR A 155 -6.50 -5.07 -4.59
CA THR A 155 -5.46 -5.81 -3.89
C THR A 155 -5.89 -6.24 -2.48
N LEU A 156 -6.84 -5.52 -1.90
CA LEU A 156 -7.16 -5.68 -0.50
C LEU A 156 -5.90 -5.38 0.32
N ALA A 157 -5.06 -4.54 -0.25
CA ALA A 157 -3.81 -4.19 0.39
C ALA A 157 -3.57 -2.68 0.57
N ALA A 158 -2.46 -2.40 1.22
CA ALA A 158 -2.07 -1.12 1.59
C ALA A 158 -0.56 -0.95 1.70
N THR A 159 -0.14 0.23 1.39
CA THR A 159 1.23 0.70 1.55
C THR A 159 2.19 -0.36 0.94
N GLY A 160 3.18 -0.71 1.67
CA GLY A 160 4.21 -1.62 1.25
C GLY A 160 3.75 -2.95 0.69
N GLY A 161 2.69 -3.51 1.28
CA GLY A 161 2.04 -4.64 0.74
C GLY A 161 1.53 -4.45 -0.70
N GLU A 162 0.72 -3.42 -0.88
CA GLU A 162 0.21 -3.00 -2.19
C GLU A 162 1.35 -2.67 -3.16
N GLY A 163 2.28 -1.84 -2.68
CA GLY A 163 3.47 -1.57 -3.44
C GLY A 163 4.18 -2.84 -3.91
N TYR A 164 4.38 -3.83 -3.03
CA TYR A 164 5.07 -5.08 -3.43
C TYR A 164 4.27 -5.86 -4.49
N LEU A 165 2.95 -5.79 -4.40
CA LEU A 165 2.13 -6.43 -5.41
C LEU A 165 2.41 -5.75 -6.77
N ALA A 166 2.41 -4.41 -6.80
CA ALA A 166 2.80 -3.67 -8.03
C ALA A 166 4.20 -4.06 -8.50
N MET A 167 5.11 -4.30 -7.55
CA MET A 167 6.48 -4.67 -7.92
C MET A 167 6.53 -6.08 -8.53
N LEU A 168 5.76 -7.01 -7.95
CA LEU A 168 5.62 -8.30 -8.58
C LEU A 168 4.94 -8.14 -9.94
N ALA A 169 4.04 -7.18 -10.08
CA ALA A 169 3.39 -6.98 -11.39
C ALA A 169 4.41 -6.42 -12.42
N ALA A 170 5.27 -5.50 -12.02
CA ALA A 170 6.31 -4.98 -12.94
C ALA A 170 7.36 -6.04 -13.32
N GLN A 171 7.65 -6.96 -12.41
CA GLN A 171 8.50 -8.15 -12.64
C GLN A 171 7.93 -9.16 -13.65
N ALA A 172 6.64 -9.46 -13.53
CA ALA A 172 5.91 -10.30 -14.48
C ALA A 172 5.93 -9.70 -15.89
N ARG A 173 5.69 -8.41 -15.97
CA ARG A 173 5.78 -7.65 -17.23
C ARG A 173 7.14 -7.76 -17.91
N GLU A 174 8.21 -7.55 -17.15
CA GLU A 174 9.58 -7.84 -17.59
C GLU A 174 9.73 -9.23 -18.21
N GLU A 175 9.17 -10.27 -17.57
CA GLU A 175 9.31 -11.67 -17.96
C GLU A 175 8.38 -11.99 -19.17
N GLY A 176 7.70 -10.96 -19.66
CA GLY A 176 6.84 -11.11 -20.83
C GLY A 176 5.50 -11.80 -20.60
N LYS A 177 5.09 -11.97 -19.34
CA LYS A 177 3.69 -12.32 -19.02
C LYS A 177 2.70 -11.29 -19.58
N SER A 178 1.55 -11.80 -19.98
CA SER A 178 0.49 -10.99 -20.55
C SER A 178 -0.23 -10.28 -19.41
N LEU A 179 -1.12 -9.38 -19.77
CA LEU A 179 -1.99 -8.67 -18.85
C LEU A 179 -2.84 -9.67 -18.05
N LYS A 180 -3.40 -10.67 -18.74
CA LYS A 180 -4.24 -11.66 -18.11
C LYS A 180 -3.39 -12.48 -17.12
N GLU A 181 -2.21 -12.93 -17.56
CA GLU A 181 -1.32 -13.70 -16.70
C GLU A 181 -0.84 -12.94 -15.46
N THR A 182 -0.63 -11.63 -15.64
CA THR A 182 -0.21 -10.78 -14.56
C THR A 182 -1.36 -10.51 -13.59
N LYS A 183 -2.52 -10.17 -14.14
CA LYS A 183 -3.75 -10.14 -13.32
C LYS A 183 -3.92 -11.41 -12.48
N GLU A 184 -3.69 -12.57 -13.10
CA GLU A 184 -3.89 -13.82 -12.38
C GLU A 184 -2.86 -14.03 -11.29
N LEU A 185 -1.64 -13.59 -11.57
CA LEU A 185 -0.57 -13.65 -10.59
C LEU A 185 -0.93 -12.81 -9.35
N ILE A 186 -1.36 -11.59 -9.58
CA ILE A 186 -1.64 -10.73 -8.45
C ILE A 186 -2.87 -11.20 -7.63
N LEU A 187 -3.90 -11.71 -8.32
CA LEU A 187 -5.08 -12.33 -7.65
C LEU A 187 -4.75 -13.65 -6.88
N ASP A 188 -3.70 -14.37 -7.30
CA ASP A 188 -3.15 -15.49 -6.54
C ASP A 188 -2.33 -15.08 -5.33
N VAL A 189 -1.39 -14.15 -5.51
CA VAL A 189 -0.50 -13.67 -4.45
C VAL A 189 -1.18 -12.84 -3.36
N GLY A 190 -2.10 -11.97 -3.78
CA GLY A 190 -2.74 -11.02 -2.89
C GLY A 190 -3.34 -11.61 -1.63
N PRO A 191 -4.19 -12.68 -1.76
CA PRO A 191 -4.77 -13.33 -0.55
C PRO A 191 -3.80 -14.05 0.38
N ARG A 192 -2.59 -14.32 -0.12
CA ARG A 192 -1.51 -14.90 0.61
C ARG A 192 -0.56 -13.89 1.30
N LEU A 193 -0.76 -12.62 1.01
CA LEU A 193 0.03 -11.53 1.62
C LEU A 193 -0.40 -11.29 3.05
N ARG A 194 0.57 -11.29 3.96
CA ARG A 194 0.34 -10.92 5.34
C ARG A 194 0.85 -9.52 5.65
N THR A 195 0.06 -8.77 6.42
CA THR A 195 0.34 -7.40 6.80
C THR A 195 0.16 -7.35 8.31
N PHE A 196 1.29 -7.18 9.03
CA PHE A 196 1.32 -7.00 10.48
C PHE A 196 1.90 -5.65 10.76
N PHE A 197 1.20 -4.87 11.57
CA PHE A 197 1.62 -3.53 11.77
C PHE A 197 1.42 -3.10 13.20
N LEU A 198 2.39 -2.37 13.72
CA LEU A 198 2.42 -2.03 15.13
C LEU A 198 2.30 -0.52 15.30
N VAL A 199 1.35 -0.09 16.12
CA VAL A 199 1.01 1.33 16.24
C VAL A 199 1.21 1.78 17.71
N ASP A 200 1.25 3.09 17.94
CA ASP A 200 1.33 3.64 19.32
C ASP A 200 0.02 3.50 20.10
N ASN A 201 -1.09 3.65 19.38
CA ASN A 201 -2.42 3.50 19.93
C ASN A 201 -3.42 3.40 18.78
N LEU A 202 -4.71 3.42 19.10
CA LEU A 202 -5.75 3.38 18.08
C LEU A 202 -6.38 4.69 17.69
N TYR A 203 -5.78 5.75 18.18
CA TYR A 203 -6.40 7.04 18.06
C TYR A 203 -6.64 7.47 16.58
N HIS A 204 -5.60 7.51 15.75
CA HIS A 204 -5.79 8.05 14.37
C HIS A 204 -6.51 6.99 13.51
N LEU A 205 -6.30 5.70 13.84
CA LEU A 205 -6.99 4.63 13.13
C LEU A 205 -8.51 4.78 13.31
N MET A 206 -8.96 4.96 14.53
CA MET A 206 -10.37 5.20 14.82
C MET A 206 -10.85 6.54 14.34
N ARG A 207 -10.03 7.56 14.48
CA ARG A 207 -10.34 8.88 13.92
C ARG A 207 -10.56 8.85 12.39
N GLY A 208 -9.76 8.05 11.66
CA GLY A 208 -9.85 8.01 10.16
C GLY A 208 -11.04 7.18 9.66
N GLY A 209 -11.69 6.41 10.54
CA GLY A 209 -12.89 5.66 10.11
C GLY A 209 -12.64 4.25 9.59
N ARG A 210 -11.39 3.81 9.49
CA ARG A 210 -11.14 2.45 8.97
C ARG A 210 -11.04 1.37 10.05
N LEU A 211 -11.31 1.73 11.31
CA LEU A 211 -11.29 0.75 12.42
C LEU A 211 -12.54 0.91 13.24
N SER A 220 -4.53 -1.14 31.82
CA SER A 220 -3.81 0.08 31.46
C SER A 220 -3.28 0.02 30.04
N LEU A 221 -3.35 1.14 29.33
CA LEU A 221 -2.84 1.22 27.94
C LEU A 221 -1.48 1.92 27.79
N VAL A 222 -0.94 2.39 28.90
CA VAL A 222 0.36 3.04 28.97
C VAL A 222 1.43 2.06 28.49
N ASN A 223 2.21 2.48 27.49
CA ASN A 223 3.27 1.65 26.88
C ASN A 223 2.77 0.36 26.16
N ILE A 224 1.46 0.27 25.97
CA ILE A 224 0.86 -0.80 25.18
C ILE A 224 0.93 -0.45 23.68
N LYS A 225 1.55 -1.34 22.91
CA LYS A 225 1.64 -1.16 21.46
C LYS A 225 0.61 -2.12 20.82
N PRO A 226 -0.55 -1.62 20.33
CA PRO A 226 -1.39 -2.61 19.57
C PRO A 226 -0.76 -3.14 18.27
N LEU A 227 -0.86 -4.46 18.09
CA LEU A 227 -0.55 -5.12 16.83
C LEU A 227 -1.81 -5.50 16.03
N LEU A 228 -1.84 -5.07 14.77
CA LEU A 228 -2.96 -5.28 13.87
C LEU A 228 -2.61 -6.15 12.67
N TRP A 229 -3.61 -6.74 12.03
CA TRP A 229 -3.44 -7.27 10.71
C TRP A 229 -4.61 -6.96 9.78
N LEU A 230 -4.45 -7.34 8.54
CA LEU A 230 -5.59 -7.32 7.61
C LEU A 230 -6.12 -8.77 7.42
N ASP A 231 -7.38 -8.99 7.78
CA ASP A 231 -8.00 -10.31 7.67
C ASP A 231 -8.27 -10.62 6.18
N ALA A 232 -8.88 -11.76 5.90
CA ALA A 232 -9.13 -12.16 4.50
C ALA A 232 -10.01 -11.18 3.74
N SER A 233 -10.90 -10.47 4.44
CA SER A 233 -11.72 -9.46 3.81
C SER A 233 -11.02 -8.11 3.62
N GLY A 234 -9.77 -8.01 4.08
CA GLY A 234 -9.05 -6.73 4.11
C GLY A 234 -9.44 -5.82 5.25
N LYS A 235 -10.26 -6.30 6.17
CA LYS A 235 -10.63 -5.52 7.38
C LYS A 235 -9.44 -5.45 8.36
N LEU A 236 -9.30 -4.32 9.04
CA LEU A 236 -8.29 -4.10 10.11
C LEU A 236 -8.67 -4.74 11.44
N VAL A 237 -7.79 -5.54 12.03
CA VAL A 237 -8.17 -6.32 13.19
C VAL A 237 -7.00 -6.40 14.13
N PRO A 238 -7.14 -5.87 15.36
CA PRO A 238 -6.09 -6.06 16.39
C PRO A 238 -5.95 -7.51 16.76
N ILE A 239 -4.71 -8.00 16.87
CA ILE A 239 -4.50 -9.40 17.20
C ILE A 239 -3.65 -9.61 18.48
N ALA A 240 -3.04 -8.54 18.99
CA ALA A 240 -2.22 -8.58 20.20
C ALA A 240 -1.95 -7.16 20.67
N LYS A 241 -1.80 -7.01 21.99
CA LYS A 241 -1.43 -5.74 22.62
C LYS A 241 -0.17 -5.93 23.47
N LEU A 242 0.93 -5.36 22.99
CA LEU A 242 2.22 -5.66 23.60
C LEU A 242 2.63 -4.53 24.56
N ARG A 243 3.10 -4.90 25.76
CA ARG A 243 3.78 -3.92 26.63
C ARG A 243 5.12 -3.61 26.02
N GLY A 244 5.15 -2.51 25.28
CA GLY A 244 6.40 -1.95 24.80
C GLY A 244 6.77 -2.25 23.35
N ARG A 245 7.61 -1.41 22.81
CA ARG A 245 7.97 -1.46 21.39
C ARG A 245 8.83 -2.69 21.08
N LYS A 246 9.72 -3.06 22.00
CA LYS A 246 10.58 -4.24 21.73
C LYS A 246 9.76 -5.52 21.64
N LYS A 247 8.77 -5.63 22.49
CA LYS A 247 7.89 -6.79 22.49
C LYS A 247 6.95 -6.78 21.26
N GLY A 248 6.43 -5.59 20.92
CA GLY A 248 5.55 -5.41 19.75
C GLY A 248 6.21 -5.89 18.47
N MET A 249 7.45 -5.44 18.27
CA MET A 249 8.34 -5.88 17.16
C MET A 249 8.62 -7.38 17.11
N LYS A 250 8.99 -7.96 18.26
CA LYS A 250 9.22 -9.40 18.39
C LYS A 250 8.01 -10.20 17.97
N GLU A 251 6.85 -9.81 18.48
CA GLU A 251 5.60 -10.42 18.14
C GLU A 251 5.28 -10.29 16.66
N MET A 252 5.43 -9.08 16.10
CA MET A 252 5.22 -8.80 14.69
C MET A 252 6.15 -9.66 13.85
N LEU A 253 7.40 -9.75 14.25
CA LEU A 253 8.36 -10.60 13.53
C LEU A 253 7.95 -12.05 13.59
N LYS A 254 7.51 -12.51 14.75
CA LYS A 254 7.12 -13.90 14.87
C LYS A 254 5.93 -14.25 13.97
N ARG A 255 4.85 -13.49 14.11
CA ARG A 255 3.70 -13.63 13.21
C ARG A 255 4.01 -13.51 11.70
N ALA A 256 4.90 -12.60 11.32
CA ALA A 256 5.27 -12.44 9.92
C ALA A 256 6.06 -13.62 9.34
N THR A 257 6.85 -14.28 10.19
CA THR A 257 7.75 -15.34 9.78
C THR A 257 7.17 -16.71 10.09
N ALA A 258 5.91 -16.75 10.52
CA ALA A 258 5.26 -18.02 10.76
C ALA A 258 5.16 -18.82 9.46
N ASP A 259 4.84 -18.14 8.34
CA ASP A 259 4.51 -18.78 7.07
C ASP A 259 5.18 -17.98 5.96
N VAL A 260 6.37 -18.41 5.53
CA VAL A 260 7.07 -17.73 4.47
C VAL A 260 7.18 -18.65 3.25
N ALA A 261 6.54 -18.26 2.16
CA ALA A 261 6.59 -19.06 0.93
C ALA A 261 7.20 -18.26 -0.20
N HIS A 262 7.89 -17.19 0.15
CA HIS A 262 8.44 -16.27 -0.82
C HIS A 262 9.67 -15.61 -0.22
N ASP A 263 10.73 -15.47 -1.02
CA ASP A 263 12.05 -15.11 -0.54
C ASP A 263 12.24 -13.62 -0.10
N THR A 264 11.16 -12.83 -0.19
CA THR A 264 11.24 -11.37 0.05
C THR A 264 10.21 -10.89 1.06
N ALA A 265 10.64 -9.99 1.94
CA ALA A 265 9.74 -9.34 2.90
C ALA A 265 9.81 -7.81 2.75
N VAL A 266 8.82 -7.12 3.27
CA VAL A 266 8.81 -5.66 3.14
C VAL A 266 8.63 -5.13 4.54
N VAL A 267 9.39 -4.08 4.90
CA VAL A 267 9.21 -3.38 6.18
C VAL A 267 8.84 -1.95 5.81
N ALA A 268 7.87 -1.37 6.50
CA ALA A 268 7.48 0.06 6.36
C ALA A 268 7.53 0.73 7.70
N TYR A 269 7.83 2.03 7.69
CA TYR A 269 7.86 2.80 8.93
C TYR A 269 7.34 4.23 8.71
N ALA A 270 6.77 4.78 9.79
CA ALA A 270 6.26 6.16 9.81
C ALA A 270 7.39 7.14 10.02
N ASN A 271 8.21 6.91 11.06
CA ASN A 271 9.19 7.86 11.62
C ASN A 271 10.59 7.26 11.68
N ASP A 272 10.67 5.99 12.11
CA ASP A 272 11.86 5.50 12.75
C ASP A 272 12.60 4.52 11.84
N SER A 273 13.53 5.05 11.06
CA SER A 273 14.21 4.26 10.04
C SER A 273 15.17 3.27 10.66
N GLU A 274 15.71 3.59 11.83
CA GLU A 274 16.60 2.66 12.52
C GLU A 274 15.84 1.42 13.03
N ALA A 275 14.64 1.65 13.58
CA ALA A 275 13.74 0.56 13.96
C ALA A 275 13.43 -0.39 12.83
N ALA A 276 13.30 0.17 11.62
CA ALA A 276 12.97 -0.63 10.45
C ALA A 276 14.19 -1.47 10.07
N GLU A 277 15.37 -0.87 10.17
CA GLU A 277 16.65 -1.58 9.98
C GLU A 277 16.82 -2.79 10.89
N ASN A 278 16.39 -2.63 12.13
CA ASN A 278 16.42 -3.71 13.09
C ASN A 278 15.47 -4.81 12.67
N LEU A 279 14.29 -4.46 12.12
CA LEU A 279 13.36 -5.46 11.55
C LEU A 279 13.98 -6.18 10.35
N LYS A 280 14.45 -5.39 9.37
CA LYS A 280 15.24 -5.88 8.26
C LYS A 280 16.34 -6.93 8.65
N GLU A 281 17.22 -6.57 9.60
CA GLU A 281 18.32 -7.50 9.99
C GLU A 281 17.75 -8.85 10.49
N GLN A 282 16.75 -8.76 11.35
CA GLN A 282 16.05 -9.91 11.92
C GLN A 282 15.40 -10.80 10.86
N LEU A 283 14.59 -10.19 10.02
CA LEU A 283 14.07 -10.87 8.83
C LEU A 283 15.13 -11.60 8.02
N LEU A 284 16.14 -10.88 7.55
CA LEU A 284 17.22 -11.45 6.74
C LEU A 284 18.00 -12.61 7.42
N ALA A 285 17.87 -12.71 8.74
CA ALA A 285 18.42 -13.85 9.50
C ALA A 285 17.59 -15.13 9.35
N ASN A 286 16.33 -15.03 8.90
CA ASN A 286 15.58 -16.24 8.45
C ASN A 286 16.22 -16.78 7.15
N GLU A 287 16.56 -18.08 7.11
CA GLU A 287 17.09 -18.66 5.87
C GLU A 287 16.12 -18.51 4.70
N LYS A 288 14.82 -18.46 5.00
CA LYS A 288 13.79 -18.29 3.97
C LYS A 288 13.75 -16.87 3.36
N ILE A 289 14.19 -15.88 4.12
CA ILE A 289 14.16 -14.49 3.67
C ILE A 289 15.51 -14.10 3.12
N LYS A 290 15.59 -13.92 1.80
CA LYS A 290 16.81 -13.46 1.19
C LYS A 290 16.88 -11.98 0.91
N ASN A 291 15.72 -11.31 0.81
CA ASN A 291 15.71 -9.88 0.53
C ASN A 291 14.69 -9.16 1.38
N VAL A 292 14.97 -7.90 1.65
CA VAL A 292 14.03 -7.07 2.41
C VAL A 292 13.96 -5.74 1.72
N VAL A 293 12.74 -5.32 1.36
CA VAL A 293 12.44 -4.00 0.77
C VAL A 293 11.98 -3.13 1.94
N THR A 294 12.53 -1.93 2.09
CA THR A 294 12.15 -1.04 3.20
C THR A 294 11.67 0.23 2.57
N LEU A 295 10.51 0.69 3.05
CA LEU A 295 9.73 1.78 2.42
C LEU A 295 9.18 2.68 3.54
N PRO A 296 9.47 4.00 3.50
CA PRO A 296 8.75 4.89 4.42
C PRO A 296 7.24 4.92 4.11
N LEU A 297 6.43 4.89 5.15
CA LEU A 297 5.00 5.15 4.95
C LEU A 297 4.76 6.52 4.27
N GLY A 298 3.79 6.60 3.35
CA GLY A 298 3.43 7.89 2.76
C GLY A 298 2.43 8.66 3.65
N PRO A 299 2.15 9.95 3.32
CA PRO A 299 1.27 10.74 4.17
C PRO A 299 -0.19 10.29 4.26
N VAL A 300 -0.75 9.65 3.22
CA VAL A 300 -2.14 9.20 3.31
C VAL A 300 -2.25 8.11 4.39
N ILE A 301 -1.43 7.07 4.30
CA ILE A 301 -1.40 6.02 5.30
C ILE A 301 -1.02 6.56 6.71
N SER A 302 0.02 7.38 6.77
CA SER A 302 0.48 8.00 8.01
C SER A 302 -0.65 8.79 8.65
N THR A 303 -1.50 9.46 7.86
CA THR A 303 -2.62 10.23 8.44
C THR A 303 -3.53 9.27 9.30
N HIS A 304 -3.56 7.99 8.93
CA HIS A 304 -4.52 7.03 9.52
C HIS A 304 -3.92 6.20 10.65
N VAL A 305 -2.65 5.82 10.52
CA VAL A 305 -2.03 4.91 11.48
C VAL A 305 -1.32 5.65 12.64
N GLY A 306 -0.87 6.86 12.34
CA GLY A 306 -0.09 7.70 13.28
C GLY A 306 1.41 7.41 13.35
N PRO A 307 2.09 8.16 14.21
CA PRO A 307 3.54 8.13 14.35
C PRO A 307 4.06 6.84 14.98
N ASN A 308 5.32 6.56 14.66
CA ASN A 308 6.06 5.43 15.18
C ASN A 308 5.53 4.04 14.73
N THR A 309 4.64 4.06 13.75
CA THR A 309 4.16 2.86 13.12
C THR A 309 5.26 2.06 12.42
N LEU A 310 5.25 0.77 12.71
CA LEU A 310 6.09 -0.21 11.99
C LEU A 310 5.19 -1.27 11.37
N ALA A 311 5.60 -1.75 10.19
CA ALA A 311 4.86 -2.81 9.51
C ALA A 311 5.82 -3.80 8.83
N VAL A 312 5.33 -5.03 8.75
CA VAL A 312 6.03 -6.16 8.08
C VAL A 312 5.03 -6.87 7.17
N PHE A 313 5.45 -7.10 5.93
CA PHE A 313 4.65 -7.76 4.88
C PHE A 313 5.38 -8.98 4.40
N THR A 314 4.73 -10.14 4.50
CA THR A 314 5.37 -11.36 3.99
C THR A 314 4.29 -12.18 3.28
N ILE A 315 4.69 -13.15 2.47
CA ILE A 315 3.76 -13.97 1.66
C ILE A 315 3.84 -15.43 2.14
N GLY A 316 2.70 -15.97 2.57
CA GLY A 316 2.63 -17.34 3.04
C GLY A 316 2.35 -18.33 1.91
N LYS A 317 2.42 -19.63 2.23
CA LYS A 317 2.09 -20.70 1.29
C LYS A 317 0.60 -20.65 0.92
N GLU A 318 -0.24 -20.42 1.92
CA GLU A 318 -1.68 -20.43 1.74
C GLU A 318 -2.33 -19.07 2.01
N ALA A 319 -3.57 -18.95 1.56
CA ALA A 319 -4.35 -17.74 1.68
C ALA A 319 -4.63 -17.50 3.14
N ARG A 320 -4.32 -16.30 3.60
CA ARG A 320 -4.52 -15.94 5.01
C ARG A 320 -5.98 -16.00 5.44
#